data_4CPI
#
_entry.id   4CPI
#
_cell.length_a   81.260
_cell.length_b   81.250
_cell.length_c   90.690
_cell.angle_alpha   90.00
_cell.angle_beta   103.84
_cell.angle_gamma   90.00
#
_symmetry.space_group_name_H-M   'C 1 2 1'
#
loop_
_entity.id
_entity.type
_entity.pdbx_description
1 polymer STREPTAVIDIN
2 non-polymer "5-[(3aS,4S,6aR)-2-oxo-hexahydro-1H-thieno[3,4- d]imidazolidin-4-yl]-N'-{2,6-bis[4-(morpholine-4- sulfonyl)phenyl]phenyl}pentanehydrazide"
3 non-polymer DI(HYDROXYETHYL)ETHER
4 non-polymer 'CALCIUM ION'
5 water water
#
_entity_poly.entity_id   1
_entity_poly.type   'polypeptide(L)'
_entity_poly.pdbx_seq_one_letter_code
;AEAGITGTWYNQLGSTFIVTAGADGALTGTYESAVGNAESRYVLTGRYDSAPATDGSGTALGWTVAWKNNYRNDHSATTW
SGQYVGGAEARINTQWLLTSGTTEANAWKSTLVGHDTFTKVKPSAAS
;
_entity_poly.pdbx_strand_id   A,B,C,D
#
# COMPACT_ATOMS: atom_id res chain seq x y z
N GLY A 4 10.53 -31.18 17.74
CA GLY A 4 11.34 -30.52 16.73
C GLY A 4 10.79 -29.19 16.29
N ILE A 5 9.61 -28.82 16.80
CA ILE A 5 8.98 -27.59 16.39
C ILE A 5 9.44 -26.40 17.23
N THR A 6 9.63 -26.61 18.52
CA THR A 6 10.06 -25.54 19.41
C THR A 6 11.33 -24.91 18.92
N GLY A 7 11.32 -23.59 18.82
CA GLY A 7 12.51 -22.85 18.45
C GLY A 7 12.20 -21.71 17.52
N THR A 8 13.22 -21.29 16.78
CA THR A 8 13.16 -20.14 15.90
C THR A 8 13.15 -20.60 14.46
N TRP A 9 12.27 -19.97 13.68
CA TRP A 9 12.07 -20.31 12.28
C TRP A 9 12.06 -19.04 11.43
N TYR A 10 12.55 -19.16 10.21
CA TYR A 10 12.72 -18.03 9.30
C TYR A 10 12.05 -18.31 7.97
N ASN A 11 11.29 -17.36 7.42
CA ASN A 11 10.73 -17.59 6.09
C ASN A 11 11.45 -16.79 5.01
N GLN A 12 10.94 -16.91 3.79
CA GLN A 12 11.58 -16.35 2.61
C GLN A 12 11.46 -14.82 2.54
N LEU A 13 10.53 -14.25 3.31
CA LEU A 13 10.29 -12.81 3.36
C LEU A 13 11.16 -12.11 4.38
N GLY A 14 11.86 -12.90 5.18
CA GLY A 14 12.74 -12.37 6.21
C GLY A 14 12.09 -12.29 7.57
N SER A 15 10.89 -12.85 7.71
CA SER A 15 10.23 -12.88 9.00
C SER A 15 10.76 -13.98 9.88
N THR A 16 10.58 -13.78 11.19
N THR A 16 10.61 -13.78 11.19
CA THR A 16 11.04 -14.69 12.24
CA THR A 16 11.14 -14.68 12.19
C THR A 16 9.86 -15.23 13.06
C THR A 16 10.09 -14.89 13.24
N PHE A 17 9.81 -16.55 13.22
N PHE A 17 9.82 -16.13 13.60
CA PHE A 17 8.73 -17.27 13.88
CA PHE A 17 9.02 -16.40 14.77
C PHE A 17 9.34 -17.98 15.09
C PHE A 17 9.73 -17.38 15.68
N ILE A 18 9.05 -17.50 16.30
N ILE A 18 9.44 -17.25 16.96
CA ILE A 18 9.62 -18.04 17.52
CA ILE A 18 9.99 -18.11 17.99
C ILE A 18 8.50 -18.74 18.28
C ILE A 18 8.80 -18.71 18.71
N VAL A 19 8.67 -20.02 18.57
CA VAL A 19 7.54 -20.77 19.10
C VAL A 19 7.95 -21.82 20.10
N THR A 20 7.05 -22.06 21.06
CA THR A 20 7.17 -23.18 21.97
C THR A 20 6.00 -24.12 21.68
N ALA A 21 6.32 -25.39 21.46
CA ALA A 21 5.31 -26.40 21.26
C ALA A 21 5.11 -27.13 22.58
N GLY A 22 3.95 -26.94 23.17
CA GLY A 22 3.66 -27.51 24.47
C GLY A 22 3.29 -28.97 24.37
N ALA A 23 3.44 -29.70 25.48
CA ALA A 23 3.17 -31.12 25.46
C ALA A 23 1.70 -31.40 25.13
N ASP A 24 0.85 -30.41 25.37
CA ASP A 24 -0.60 -30.54 25.23
C ASP A 24 -1.13 -30.22 23.83
N GLY A 25 -0.25 -29.80 22.93
CA GLY A 25 -0.66 -29.42 21.59
C GLY A 25 -0.69 -27.93 21.37
N ALA A 26 -0.31 -27.14 22.37
CA ALA A 26 -0.33 -25.67 22.21
C ALA A 26 0.91 -25.16 21.48
N LEU A 27 0.72 -24.16 20.63
CA LEU A 27 1.80 -23.32 20.11
C LEU A 27 1.66 -21.92 20.69
N THR A 28 2.74 -21.41 21.24
N THR A 28 2.78 -21.40 21.19
CA THR A 28 2.76 -20.05 21.75
CA THR A 28 2.83 -20.11 21.88
C THR A 28 4.09 -19.45 21.31
C THR A 28 4.15 -19.39 21.60
N GLY A 29 4.09 -18.14 21.14
CA GLY A 29 5.32 -17.43 20.86
C GLY A 29 5.11 -16.05 20.27
N THR A 30 6.06 -15.64 19.44
CA THR A 30 6.09 -14.30 18.87
C THR A 30 6.44 -14.41 17.42
N TYR A 31 5.84 -13.52 16.62
CA TYR A 31 6.11 -13.43 15.19
C TYR A 31 6.64 -12.04 14.93
N GLU A 32 7.77 -11.97 14.24
CA GLU A 32 8.43 -10.69 13.99
C GLU A 32 8.41 -10.46 12.49
N SER A 33 7.71 -9.39 12.09
CA SER A 33 7.70 -8.94 10.71
C SER A 33 9.13 -8.72 10.26
N ALA A 34 9.37 -8.89 8.98
CA ALA A 34 10.73 -8.79 8.45
C ALA A 34 11.31 -7.39 8.70
N VAL A 35 10.45 -6.38 8.67
CA VAL A 35 10.87 -5.01 8.98
C VAL A 35 10.88 -4.79 10.48
N GLY A 36 11.94 -4.17 10.99
CA GLY A 36 11.96 -3.64 12.34
C GLY A 36 12.28 -4.61 13.45
N ASN A 37 12.11 -4.14 14.68
CA ASN A 37 12.41 -4.90 15.89
C ASN A 37 11.17 -5.09 16.74
N ALA A 38 11.17 -4.56 17.96
CA ALA A 38 10.05 -4.77 18.90
C ALA A 38 8.74 -4.22 18.35
N GLU A 39 8.81 -3.16 17.56
CA GLU A 39 7.60 -2.59 16.97
C GLU A 39 6.97 -3.55 15.98
N SER A 40 7.74 -4.55 15.56
CA SER A 40 7.31 -5.51 14.56
C SER A 40 7.10 -6.89 15.13
N ARG A 41 6.99 -6.97 16.46
CA ARG A 41 6.79 -8.25 17.14
C ARG A 41 5.37 -8.38 17.64
N TYR A 42 4.75 -9.52 17.36
CA TYR A 42 3.35 -9.78 17.66
C TYR A 42 3.16 -11.12 18.31
N VAL A 43 2.15 -11.23 19.18
CA VAL A 43 1.81 -12.49 19.81
C VAL A 43 1.28 -13.50 18.80
N LEU A 44 1.63 -14.76 18.99
N LEU A 44 1.78 -14.72 18.96
CA LEU A 44 0.98 -15.82 18.22
CA LEU A 44 1.45 -15.86 18.11
C LEU A 44 0.54 -16.94 19.13
C LEU A 44 0.83 -16.93 18.99
N THR A 45 -0.57 -17.54 18.77
N THR A 45 -0.20 -17.60 18.47
CA THR A 45 -1.03 -18.76 19.41
CA THR A 45 -0.82 -18.69 19.20
C THR A 45 -1.57 -19.68 18.35
C THR A 45 -1.41 -19.69 18.23
N GLY A 46 -1.39 -20.97 18.58
CA GLY A 46 -1.89 -21.99 17.68
C GLY A 46 -1.92 -23.37 18.30
N ARG A 47 -2.05 -24.37 17.43
CA ARG A 47 -2.15 -25.77 17.83
C ARG A 47 -1.35 -26.63 16.88
N TYR A 48 -0.87 -27.76 17.38
CA TYR A 48 -0.21 -28.73 16.52
C TYR A 48 -0.59 -30.15 16.99
N ASP A 49 -0.44 -31.10 16.08
CA ASP A 49 -0.67 -32.50 16.39
C ASP A 49 0.48 -33.04 17.26
N SER A 50 0.20 -33.22 18.54
CA SER A 50 1.22 -33.66 19.50
C SER A 50 1.48 -35.16 19.51
N ALA A 51 0.80 -35.90 18.63
CA ALA A 51 1.03 -37.34 18.47
C ALA A 51 0.91 -37.68 16.99
N PRO A 52 1.87 -37.21 16.19
CA PRO A 52 1.80 -37.42 14.74
C PRO A 52 1.98 -38.87 14.36
N ALA A 53 1.62 -39.17 13.12
CA ALA A 53 1.79 -40.51 12.59
C ALA A 53 3.26 -40.88 12.57
N THR A 54 3.52 -42.17 12.57
CA THR A 54 4.89 -42.69 12.62
C THR A 54 5.30 -43.25 11.26
N ASP A 55 4.59 -42.86 10.21
CA ASP A 55 4.77 -43.44 8.88
C ASP A 55 5.55 -42.54 7.91
N GLY A 56 6.18 -41.50 8.44
CA GLY A 56 6.94 -40.58 7.61
C GLY A 56 6.14 -39.35 7.18
N SER A 57 4.90 -39.26 7.64
CA SER A 57 4.07 -38.09 7.40
C SER A 57 4.55 -36.89 8.21
N GLY A 58 4.30 -35.69 7.71
CA GLY A 58 4.57 -34.49 8.47
C GLY A 58 3.62 -34.31 9.64
N THR A 59 3.87 -33.27 10.43
CA THR A 59 3.11 -32.96 11.64
C THR A 59 2.24 -31.75 11.37
N ALA A 60 0.92 -31.92 11.41
CA ALA A 60 0.04 -30.83 11.07
C ALA A 60 0.02 -29.78 12.17
N LEU A 61 -0.10 -28.51 11.77
CA LEU A 61 -0.15 -27.42 12.72
C LEU A 61 -0.80 -26.18 12.11
N GLY A 62 -1.10 -25.22 12.97
CA GLY A 62 -1.57 -23.93 12.49
C GLY A 62 -1.39 -22.90 13.59
N TRP A 63 -1.30 -21.64 13.19
CA TRP A 63 -1.26 -20.56 14.19
C TRP A 63 -1.82 -19.25 13.60
N THR A 64 -2.11 -18.33 14.51
CA THR A 64 -2.68 -17.03 14.18
C THR A 64 -1.85 -15.92 14.78
N VAL A 65 -1.69 -14.85 14.02
CA VAL A 65 -1.22 -13.57 14.52
C VAL A 65 -2.26 -12.51 14.19
N ALA A 66 -2.70 -11.77 15.22
CA ALA A 66 -3.45 -10.54 14.99
C ALA A 66 -2.46 -9.40 15.00
N TRP A 67 -2.51 -8.58 13.96
CA TRP A 67 -1.46 -7.58 13.74
C TRP A 67 -1.68 -6.31 14.56
N LYS A 68 -1.81 -6.51 15.86
CA LYS A 68 -1.86 -5.45 16.85
C LYS A 68 -0.84 -5.74 17.94
N ASN A 69 -0.05 -4.73 18.27
CA ASN A 69 0.83 -4.78 19.43
C ASN A 69 0.82 -3.40 20.08
N ASN A 70 1.74 -3.10 20.98
CA ASN A 70 1.72 -1.80 21.65
C ASN A 70 2.10 -0.61 20.75
N TYR A 71 2.63 -0.90 19.58
CA TYR A 71 3.15 0.13 18.67
C TYR A 71 2.25 0.38 17.47
N ARG A 72 1.59 -0.68 17.01
CA ARG A 72 0.89 -0.70 15.73
C ARG A 72 -0.40 -1.50 15.76
N ASN A 73 -1.34 -1.15 14.88
CA ASN A 73 -2.51 -1.98 14.65
C ASN A 73 -2.94 -1.90 13.18
N ASP A 74 -2.77 -3.00 12.45
CA ASP A 74 -3.10 -3.04 11.04
C ASP A 74 -4.52 -3.60 10.80
N HIS A 75 -5.28 -3.78 11.88
CA HIS A 75 -6.68 -4.24 11.80
C HIS A 75 -6.82 -5.45 10.89
N SER A 76 -5.99 -6.44 11.16
N SER A 76 -6.02 -6.46 11.18
CA SER A 76 -5.84 -7.62 10.31
CA SER A 76 -5.97 -7.65 10.35
C SER A 76 -5.41 -8.81 11.16
C SER A 76 -5.37 -8.80 11.13
N ALA A 77 -5.52 -10.00 10.59
CA ALA A 77 -5.07 -11.21 11.25
C ALA A 77 -4.66 -12.21 10.18
N THR A 78 -3.53 -12.90 10.40
CA THR A 78 -3.11 -13.97 9.49
C THR A 78 -3.16 -15.31 10.20
N THR A 79 -3.65 -16.32 9.48
CA THR A 79 -3.53 -17.69 9.93
C THR A 79 -2.67 -18.46 8.95
N TRP A 80 -1.76 -19.25 9.50
CA TRP A 80 -0.92 -20.17 8.75
C TRP A 80 -1.35 -21.59 9.04
N SER A 81 -1.54 -22.36 7.98
CA SER A 81 -1.89 -23.78 8.07
C SER A 81 -0.83 -24.58 7.36
N GLY A 82 -0.27 -25.60 8.00
CA GLY A 82 0.74 -26.37 7.32
C GLY A 82 1.21 -27.60 8.05
N GLN A 83 2.42 -28.03 7.73
CA GLN A 83 2.99 -29.16 8.41
C GLN A 83 4.47 -28.98 8.59
N TYR A 84 4.94 -29.53 9.69
CA TYR A 84 6.35 -29.64 10.01
C TYR A 84 6.90 -30.93 9.45
N VAL A 85 8.06 -30.81 8.80
CA VAL A 85 8.77 -31.91 8.18
C VAL A 85 10.16 -31.93 8.81
N GLY A 86 10.50 -33.00 9.53
CA GLY A 86 11.75 -33.03 10.27
C GLY A 86 12.92 -33.47 9.41
N GLY A 87 14.08 -33.62 10.05
CA GLY A 87 15.28 -34.08 9.36
C GLY A 87 16.37 -33.02 9.34
N ALA A 88 17.44 -33.32 8.61
CA ALA A 88 18.59 -32.43 8.55
C ALA A 88 18.22 -31.07 7.99
N GLU A 89 17.26 -31.06 7.07
CA GLU A 89 16.76 -29.83 6.46
C GLU A 89 15.30 -29.64 6.83
N ALA A 90 15.06 -29.44 8.12
CA ALA A 90 13.72 -29.35 8.64
C ALA A 90 12.99 -28.13 8.08
N ARG A 91 11.69 -28.26 7.87
CA ARG A 91 10.89 -27.22 7.24
C ARG A 91 9.55 -27.14 7.91
N ILE A 92 8.93 -25.96 7.93
CA ILE A 92 7.48 -25.86 8.12
C ILE A 92 6.93 -25.25 6.85
N ASN A 93 6.16 -26.04 6.11
CA ASN A 93 5.57 -25.62 4.86
C ASN A 93 4.15 -25.18 5.14
N THR A 94 3.82 -23.95 4.75
CA THR A 94 2.51 -23.39 5.07
C THR A 94 1.82 -22.72 3.91
N GLN A 95 0.50 -22.57 4.07
CA GLN A 95 -0.31 -21.66 3.29
C GLN A 95 -0.96 -20.76 4.30
N TRP A 96 -1.24 -19.52 3.92
CA TRP A 96 -1.80 -18.59 4.88
C TRP A 96 -2.94 -17.78 4.28
N LEU A 97 -3.78 -17.28 5.18
CA LEU A 97 -4.89 -16.39 4.90
C LEU A 97 -4.74 -15.15 5.76
N LEU A 98 -4.74 -13.97 5.14
CA LEU A 98 -4.66 -12.71 5.85
C LEU A 98 -5.98 -11.98 5.64
N THR A 99 -6.77 -11.86 6.70
CA THR A 99 -8.04 -11.14 6.60
C THR A 99 -7.92 -9.78 7.28
N SER A 100 -8.35 -8.74 6.55
CA SER A 100 -8.46 -7.40 7.09
C SER A 100 -9.89 -7.08 7.47
N GLY A 101 -10.09 -6.33 8.56
CA GLY A 101 -11.43 -5.82 8.88
C GLY A 101 -11.88 -4.89 7.77
N THR A 102 -13.06 -5.13 7.22
CA THR A 102 -13.57 -4.30 6.13
C THR A 102 -14.99 -3.90 6.38
N THR A 103 -15.47 -2.92 5.63
CA THR A 103 -16.90 -2.70 5.55
C THR A 103 -17.55 -3.84 4.78
N GLU A 104 -18.87 -3.98 4.90
CA GLU A 104 -19.57 -5.03 4.16
C GLU A 104 -19.39 -4.88 2.65
N ALA A 105 -19.40 -3.65 2.17
CA ALA A 105 -19.22 -3.39 0.75
C ALA A 105 -17.89 -3.92 0.21
N ASN A 106 -16.88 -3.93 1.07
CA ASN A 106 -15.53 -4.36 0.68
C ASN A 106 -15.15 -5.75 1.15
N ALA A 107 -16.10 -6.49 1.73
CA ALA A 107 -15.77 -7.78 2.33
C ALA A 107 -15.26 -8.77 1.27
N TRP A 108 -15.71 -8.61 0.03
CA TRP A 108 -15.29 -9.55 -1.01
C TRP A 108 -13.78 -9.53 -1.21
N LYS A 109 -13.13 -8.42 -0.87
CA LYS A 109 -11.67 -8.29 -1.05
C LYS A 109 -10.94 -8.21 0.31
N SER A 110 -11.52 -8.85 1.31
CA SER A 110 -11.00 -8.83 2.68
C SER A 110 -9.80 -9.74 2.91
N THR A 111 -9.61 -10.75 2.06
CA THR A 111 -8.69 -11.84 2.41
C THR A 111 -7.67 -12.17 1.33
N LEU A 112 -6.40 -12.04 1.72
CA LEU A 112 -5.26 -12.44 0.90
C LEU A 112 -4.88 -13.89 1.20
N VAL A 113 -4.37 -14.56 0.19
CA VAL A 113 -3.84 -15.91 0.37
C VAL A 113 -2.40 -15.96 -0.16
N GLY A 114 -1.59 -16.77 0.52
CA GLY A 114 -0.23 -16.97 0.10
C GLY A 114 0.38 -18.18 0.76
N HIS A 115 1.70 -18.27 0.65
CA HIS A 115 2.42 -19.44 1.14
C HIS A 115 3.79 -19.01 1.63
N ASP A 116 4.18 -19.60 2.77
CA ASP A 116 5.49 -19.34 3.38
C ASP A 116 6.13 -20.67 3.67
N THR A 117 7.42 -20.75 3.43
N THR A 117 7.42 -20.74 3.42
CA THR A 117 8.22 -21.90 3.86
CA THR A 117 8.24 -21.86 3.85
C THR A 117 9.26 -21.45 4.87
C THR A 117 9.19 -21.35 4.92
N PHE A 118 9.17 -22.03 6.06
CA PHE A 118 10.04 -21.71 7.17
C PHE A 118 11.14 -22.74 7.31
N THR A 119 12.36 -22.26 7.56
CA THR A 119 13.53 -23.09 7.81
C THR A 119 14.20 -22.67 9.11
N LYS A 120 15.10 -23.52 9.62
N LYS A 120 15.10 -23.52 9.62
CA LYS A 120 15.77 -23.24 10.88
CA LYS A 120 15.78 -23.23 10.89
C LYS A 120 16.99 -22.32 10.70
C LYS A 120 16.96 -22.27 10.74
N VAL A 121 17.32 -22.03 9.45
N VAL A 121 17.37 -22.03 9.50
CA VAL A 121 18.41 -21.09 9.13
CA VAL A 121 18.41 -21.03 9.23
C VAL A 121 17.89 -20.01 8.19
C VAL A 121 17.92 -20.02 8.21
N LYS A 122 18.43 -18.79 8.31
CA LYS A 122 17.94 -17.68 7.49
C LYS A 122 18.15 -17.94 6.00
N ALA B 3 -14.95 -7.41 21.59
CA ALA B 3 -16.31 -7.30 22.10
C ALA B 3 -17.29 -7.97 21.15
N GLY B 4 -18.30 -8.63 21.71
CA GLY B 4 -19.33 -9.31 20.93
C GLY B 4 -18.95 -10.69 20.44
N ILE B 5 -17.67 -11.03 20.54
CA ILE B 5 -17.18 -12.32 20.06
C ILE B 5 -17.41 -13.47 21.05
N THR B 6 -17.24 -13.19 22.33
CA THR B 6 -17.37 -14.21 23.34
C THR B 6 -18.74 -14.86 23.28
N GLY B 7 -18.76 -16.18 23.27
CA GLY B 7 -19.99 -16.93 23.32
C GLY B 7 -19.95 -18.11 22.36
N THR B 8 -21.15 -18.55 22.01
CA THR B 8 -21.34 -19.74 21.18
C THR B 8 -21.75 -19.34 19.77
N TRP B 9 -21.14 -19.99 18.80
CA TRP B 9 -21.36 -19.70 17.39
C TRP B 9 -21.61 -21.01 16.65
N TYR B 10 -22.42 -20.93 15.60
CA TYR B 10 -22.83 -22.11 14.84
C TYR B 10 -22.60 -21.87 13.37
N ASN B 11 -22.00 -22.84 12.66
CA ASN B 11 -21.87 -22.65 11.21
C ASN B 11 -22.89 -23.43 10.42
N GLN B 12 -22.78 -23.33 9.11
CA GLN B 12 -23.75 -23.89 8.21
C GLN B 12 -23.73 -25.42 8.18
N LEU B 13 -22.62 -26.01 8.64
CA LEU B 13 -22.43 -27.46 8.62
C LEU B 13 -22.97 -28.17 9.88
N GLY B 14 -23.37 -27.39 10.88
CA GLY B 14 -23.83 -27.96 12.12
C GLY B 14 -22.77 -27.96 13.21
N SER B 15 -21.62 -27.35 12.95
CA SER B 15 -20.58 -27.27 13.96
C SER B 15 -20.81 -26.15 14.96
N THR B 16 -20.29 -26.34 16.16
N THR B 16 -20.24 -26.33 16.15
CA THR B 16 -20.48 -25.40 17.24
CA THR B 16 -20.36 -25.42 17.28
C THR B 16 -19.16 -25.14 17.91
C THR B 16 -19.00 -24.87 17.69
N PHE B 17 -18.85 -23.87 18.15
N PHE B 17 -18.90 -23.55 17.72
CA PHE B 17 -17.72 -23.58 19.01
CA PHE B 17 -17.67 -22.82 18.02
C PHE B 17 -18.11 -22.54 20.05
C PHE B 17 -17.90 -22.04 19.31
N ILE B 18 -17.43 -22.64 21.18
N ILE B 18 -17.25 -22.47 20.38
CA ILE B 18 -17.64 -21.76 22.30
CA ILE B 18 -17.41 -21.86 21.71
C ILE B 18 -16.30 -21.11 22.59
C ILE B 18 -16.14 -21.12 22.06
N VAL B 19 -16.23 -19.81 22.34
CA VAL B 19 -15.00 -19.03 22.46
C VAL B 19 -15.10 -17.93 23.49
N THR B 20 -13.96 -17.66 24.12
CA THR B 20 -13.81 -16.52 25.01
C THR B 20 -12.80 -15.60 24.37
N ALA B 21 -13.16 -14.33 24.23
CA ALA B 21 -12.27 -13.34 23.69
C ALA B 21 -11.72 -12.53 24.84
N GLY B 22 -10.44 -12.72 25.11
CA GLY B 22 -9.78 -12.04 26.20
C GLY B 22 -9.47 -10.58 25.90
N ALA B 23 -9.27 -9.79 26.94
CA ALA B 23 -9.03 -8.36 26.76
C ALA B 23 -7.72 -8.09 26.03
N ASP B 24 -6.83 -9.08 26.04
CA ASP B 24 -5.49 -8.97 25.47
C ASP B 24 -5.39 -9.38 24.00
N GLY B 25 -6.49 -9.84 23.43
CA GLY B 25 -6.52 -10.30 22.06
C GLY B 25 -6.55 -11.81 21.91
N ALA B 26 -6.63 -12.55 23.01
CA ALA B 26 -6.64 -14.02 22.95
C ALA B 26 -8.01 -14.58 22.60
N LEU B 27 -8.05 -15.62 21.76
CA LEU B 27 -9.23 -16.45 21.64
C LEU B 27 -8.93 -17.83 22.22
N THR B 28 -9.85 -18.33 23.05
N THR B 28 -9.83 -18.30 23.07
CA THR B 28 -9.69 -19.63 23.70
CA THR B 28 -9.72 -19.62 23.67
C THR B 28 -11.05 -20.31 23.85
C THR B 28 -11.08 -20.25 23.59
N GLY B 29 -11.12 -21.58 23.48
CA GLY B 29 -12.38 -22.28 23.53
C GLY B 29 -12.34 -23.70 23.00
N THR B 30 -13.50 -24.14 22.51
CA THR B 30 -13.66 -25.51 22.04
C THR B 30 -14.46 -25.47 20.77
N TYR B 31 -14.17 -26.43 19.90
N TYR B 31 -14.18 -26.44 19.89
CA TYR B 31 -14.84 -26.60 18.64
CA TYR B 31 -14.85 -26.55 18.60
C TYR B 31 -15.39 -28.00 18.61
C TYR B 31 -15.36 -27.97 18.40
N GLU B 32 -16.68 -28.11 18.30
CA GLU B 32 -17.31 -29.41 18.15
C GLU B 32 -17.82 -29.51 16.71
N SER B 33 -17.21 -30.40 15.93
CA SER B 33 -17.53 -30.52 14.51
C SER B 33 -18.72 -31.45 14.30
N ASN B 37 -21.25 -34.60 21.36
CA ASN B 37 -20.53 -35.63 22.10
C ASN B 37 -19.12 -35.18 22.40
N ALA B 38 -18.58 -35.62 23.54
CA ALA B 38 -17.25 -35.21 23.96
C ALA B 38 -16.20 -35.68 22.97
N GLU B 39 -16.51 -36.75 22.25
CA GLU B 39 -15.58 -37.33 21.31
C GLU B 39 -15.33 -36.41 20.13
N SER B 40 -16.24 -35.47 19.90
CA SER B 40 -16.06 -34.55 18.79
C SER B 40 -15.69 -33.14 19.25
N ARG B 41 -15.25 -32.98 20.50
CA ARG B 41 -14.85 -31.67 21.02
C ARG B 41 -13.33 -31.50 21.04
N TYR B 42 -12.85 -30.39 20.47
CA TYR B 42 -11.42 -30.12 20.31
C TYR B 42 -11.05 -28.74 20.81
N VAL B 43 -9.83 -28.59 21.31
CA VAL B 43 -9.34 -27.32 21.79
C VAL B 43 -9.11 -26.36 20.65
N LEU B 44 -9.47 -25.10 20.86
CA LEU B 44 -9.09 -24.09 19.88
C LEU B 44 -8.41 -22.92 20.55
N THR B 45 -7.50 -22.30 19.81
N THR B 45 -7.57 -22.26 19.77
CA THR B 45 -6.87 -21.07 20.25
CA THR B 45 -6.82 -21.10 20.25
C THR B 45 -6.70 -20.17 19.04
C THR B 45 -6.48 -20.17 19.09
N GLY B 46 -6.69 -18.87 19.29
CA GLY B 46 -6.49 -17.91 18.24
C GLY B 46 -6.27 -16.51 18.78
N ARG B 47 -6.42 -15.53 17.89
CA ARG B 47 -6.17 -14.13 18.21
C ARG B 47 -7.22 -13.29 17.52
N TYR B 48 -7.52 -12.11 18.07
CA TYR B 48 -8.40 -11.17 17.39
C TYR B 48 -7.91 -9.75 17.66
N ASP B 49 -8.35 -8.84 16.79
CA ASP B 49 -8.02 -7.43 16.96
C ASP B 49 -8.87 -6.85 18.10
N SER B 50 -8.22 -6.56 19.23
CA SER B 50 -8.92 -6.08 20.42
C SER B 50 -9.14 -4.57 20.44
N ALA B 51 -8.73 -3.88 19.38
CA ALA B 51 -9.05 -2.46 19.22
C ALA B 51 -9.37 -2.18 17.76
N PRO B 52 -10.50 -2.70 17.27
CA PRO B 52 -10.84 -2.57 15.85
C PRO B 52 -11.16 -1.14 15.48
N ALA B 53 -11.22 -0.89 14.18
CA ALA B 53 -11.59 0.43 13.68
C ALA B 53 -13.03 0.75 14.08
N THR B 54 -13.35 2.03 14.12
CA THR B 54 -14.67 2.50 14.53
C THR B 54 -15.46 3.03 13.35
N ASP B 55 -15.03 2.68 12.14
CA ASP B 55 -15.63 3.21 10.91
C ASP B 55 -16.68 2.28 10.29
N GLY B 56 -17.10 1.25 11.03
CA GLY B 56 -18.06 0.29 10.51
C GLY B 56 -17.42 -0.97 9.99
N SER B 57 -16.10 -1.04 10.05
CA SER B 57 -15.39 -2.24 9.61
C SER B 57 -15.51 -3.37 10.61
N GLY B 58 -15.42 -4.60 10.11
CA GLY B 58 -15.41 -5.77 10.96
C GLY B 58 -14.14 -5.88 11.78
N THR B 59 -14.12 -6.89 12.64
CA THR B 59 -13.03 -7.15 13.55
C THR B 59 -12.29 -8.37 13.09
N ALA B 60 -11.02 -8.22 12.70
CA ALA B 60 -10.27 -9.34 12.17
C ALA B 60 -9.92 -10.34 13.27
N LEU B 61 -9.94 -11.61 12.90
CA LEU B 61 -9.63 -12.68 13.85
C LEU B 61 -9.18 -13.95 13.13
N GLY B 62 -8.64 -14.89 13.89
CA GLY B 62 -8.36 -16.19 13.35
C GLY B 62 -8.19 -17.17 14.48
N TRP B 63 -8.33 -18.45 14.17
CA TRP B 63 -8.10 -19.47 15.17
C TRP B 63 -7.72 -20.79 14.51
N THR B 64 -7.17 -21.67 15.32
CA THR B 64 -6.70 -23.00 14.91
C THR B 64 -7.34 -24.08 15.78
N VAL B 65 -7.72 -25.17 15.13
CA VAL B 65 -7.99 -26.45 15.77
C VAL B 65 -7.09 -27.53 15.19
N ALA B 66 -6.32 -28.19 16.06
CA ALA B 66 -5.66 -29.43 15.69
C ALA B 66 -6.63 -30.57 16.04
N TRP B 67 -6.87 -31.45 15.08
CA TRP B 67 -7.92 -32.49 15.19
C TRP B 67 -7.46 -33.72 15.97
N LYS B 68 -6.90 -33.45 17.15
CA LYS B 68 -6.55 -34.45 18.14
C LYS B 68 -7.24 -34.11 19.45
N ASN B 69 -7.88 -35.10 20.04
CA ASN B 69 -8.37 -34.97 21.41
C ASN B 69 -8.12 -36.30 22.11
N ASN B 70 -8.74 -36.53 23.26
CA ASN B 70 -8.44 -37.74 24.01
C ASN B 70 -9.00 -39.00 23.36
N TYR B 71 -9.90 -38.82 22.39
CA TYR B 71 -10.60 -39.93 21.75
C TYR B 71 -10.06 -40.29 20.37
N ARG B 72 -9.64 -39.28 19.61
CA ARG B 72 -9.32 -39.45 18.19
C ARG B 72 -8.17 -38.54 17.75
N ASN B 73 -7.52 -38.91 16.66
CA ASN B 73 -6.50 -38.07 16.05
C ASN B 73 -6.52 -38.26 14.55
N ASP B 74 -6.89 -37.20 13.83
CA ASP B 74 -6.97 -37.20 12.38
C ASP B 74 -5.67 -36.72 11.72
N HIS B 75 -4.67 -36.35 12.53
CA HIS B 75 -3.37 -35.90 12.00
C HIS B 75 -3.55 -34.76 11.00
N SER B 76 -4.27 -33.74 11.46
CA SER B 76 -4.62 -32.59 10.64
C SER B 76 -4.96 -31.41 11.52
N ALA B 77 -5.00 -30.23 10.90
CA ALA B 77 -5.35 -29.01 11.63
C ALA B 77 -6.02 -28.06 10.67
N THR B 78 -7.01 -27.34 11.19
CA THR B 78 -7.71 -26.32 10.42
C THR B 78 -7.42 -24.95 11.03
N THR B 79 -7.17 -23.96 10.17
CA THR B 79 -7.17 -22.58 10.60
C THR B 79 -8.29 -21.83 9.91
N TRP B 80 -9.00 -21.01 10.68
CA TRP B 80 -10.01 -20.11 10.16
C TRP B 80 -9.52 -18.68 10.26
N SER B 81 -9.66 -17.94 9.16
CA SER B 81 -9.29 -16.53 9.08
C SER B 81 -10.52 -15.75 8.66
N GLY B 82 -10.88 -14.70 9.39
CA GLY B 82 -12.08 -13.99 9.06
C GLY B 82 -12.29 -12.71 9.80
N GLN B 83 -13.53 -12.26 9.82
CA GLN B 83 -13.87 -11.11 10.62
C GLN B 83 -15.24 -11.26 11.24
N TYR B 84 -15.35 -10.65 12.42
CA TYR B 84 -16.58 -10.54 13.15
C TYR B 84 -17.31 -9.28 12.71
N VAL B 85 -18.61 -9.42 12.44
CA VAL B 85 -19.45 -8.30 12.04
C VAL B 85 -20.62 -8.26 13.02
N GLY B 86 -20.71 -7.20 13.81
CA GLY B 86 -21.70 -7.13 14.87
C GLY B 86 -23.08 -6.68 14.39
N GLY B 87 -24.00 -6.53 15.34
CA GLY B 87 -25.34 -6.08 15.04
C GLY B 87 -26.38 -7.14 15.37
N ALA B 88 -27.63 -6.89 14.99
CA ALA B 88 -28.74 -7.77 15.33
C ALA B 88 -28.58 -9.17 14.74
N GLU B 89 -27.95 -9.23 13.57
CA GLU B 89 -27.62 -10.51 12.92
C GLU B 89 -26.10 -10.62 12.85
N ALA B 90 -25.48 -10.70 14.01
CA ALA B 90 -24.03 -10.81 14.08
C ALA B 90 -23.54 -12.07 13.37
N ARG B 91 -22.34 -11.96 12.78
N ARG B 91 -22.34 -11.98 12.80
CA ARG B 91 -21.74 -13.05 12.06
CA ARG B 91 -21.78 -13.10 12.07
C ARG B 91 -20.25 -13.06 12.27
C ARG B 91 -20.27 -13.05 12.10
N ILE B 92 -19.66 -14.23 12.04
CA ILE B 92 -18.23 -14.35 11.83
C ILE B 92 -18.09 -15.01 10.47
N ASN B 93 -17.56 -14.26 9.52
CA ASN B 93 -17.37 -14.73 8.16
C ASN B 93 -15.94 -15.17 8.01
N THR B 94 -15.73 -16.43 7.61
CA THR B 94 -14.38 -16.98 7.54
C THR B 94 -14.08 -17.72 6.26
N GLN B 95 -12.79 -17.84 6.01
CA GLN B 95 -12.26 -18.82 5.08
C GLN B 95 -11.31 -19.69 5.87
N TRP B 96 -11.14 -20.94 5.46
CA TRP B 96 -10.32 -21.85 6.24
C TRP B 96 -9.42 -22.69 5.36
N LEU B 97 -8.34 -23.17 6.00
CA LEU B 97 -7.35 -24.07 5.42
C LEU B 97 -7.22 -25.28 6.33
N LEU B 98 -7.43 -26.46 5.78
N LEU B 98 -7.37 -26.48 5.78
CA LEU B 98 -7.24 -27.72 6.50
CA LEU B 98 -7.26 -27.72 6.53
C LEU B 98 -6.03 -28.41 5.90
C LEU B 98 -6.10 -28.55 5.97
N THR B 99 -4.98 -28.52 6.70
CA THR B 99 -3.77 -29.25 6.29
C THR B 99 -3.67 -30.56 7.03
N SER B 100 -3.48 -31.64 6.27
CA SER B 100 -3.23 -32.96 6.80
C SER B 100 -1.75 -33.26 6.75
N GLY B 101 -1.22 -33.93 7.76
CA GLY B 101 0.13 -34.46 7.67
C GLY B 101 0.20 -35.42 6.50
N THR B 102 1.20 -35.27 5.64
CA THR B 102 1.38 -36.14 4.49
C THR B 102 2.82 -36.54 4.35
N THR B 103 3.06 -37.54 3.53
CA THR B 103 4.41 -37.78 3.04
C THR B 103 4.83 -36.63 2.12
N GLU B 104 6.13 -36.50 1.87
CA GLU B 104 6.59 -35.44 0.97
C GLU B 104 5.99 -35.61 -0.43
N ALA B 105 5.87 -36.85 -0.88
CA ALA B 105 5.32 -37.15 -2.20
C ALA B 105 3.89 -36.66 -2.34
N ASN B 106 3.14 -36.66 -1.24
CA ASN B 106 1.74 -36.25 -1.27
C ASN B 106 1.49 -34.83 -0.78
N ALA B 107 2.53 -34.08 -0.52
CA ALA B 107 2.39 -32.75 0.08
C ALA B 107 1.61 -31.81 -0.82
N TRP B 108 1.66 -32.02 -2.12
CA TRP B 108 0.97 -31.13 -3.05
C TRP B 108 -0.54 -31.11 -2.80
N LYS B 109 -1.07 -32.22 -2.27
CA LYS B 109 -2.51 -32.34 -1.97
C LYS B 109 -2.79 -32.37 -0.46
N SER B 110 -1.95 -31.69 0.31
CA SER B 110 -2.08 -31.68 1.77
C SER B 110 -3.18 -30.78 2.31
N THR B 111 -3.62 -29.79 1.52
CA THR B 111 -4.40 -28.69 2.08
C THR B 111 -5.71 -28.40 1.34
N LEU B 112 -6.81 -28.53 2.07
CA LEU B 112 -8.14 -28.17 1.63
C LEU B 112 -8.42 -26.72 1.99
N VAL B 113 -9.24 -26.08 1.16
CA VAL B 113 -9.70 -24.71 1.43
C VAL B 113 -11.24 -24.70 1.37
N GLY B 114 -11.81 -23.86 2.23
CA GLY B 114 -13.24 -23.65 2.22
C GLY B 114 -13.64 -22.40 2.97
N HIS B 115 -14.94 -22.28 3.24
CA HIS B 115 -15.45 -21.09 3.89
C HIS B 115 -16.60 -21.49 4.81
N ASP B 116 -16.59 -20.91 6.01
N ASP B 116 -16.69 -20.81 5.96
CA ASP B 116 -17.65 -21.10 7.02
CA ASP B 116 -17.75 -21.05 6.93
C ASP B 116 -18.19 -19.74 7.41
C ASP B 116 -18.32 -19.72 7.46
N THR B 117 -19.51 -19.65 7.54
N THR B 117 -19.63 -19.68 7.59
CA THR B 117 -20.13 -18.49 8.17
CA THR B 117 -20.34 -18.51 8.12
C THR B 117 -20.76 -18.96 9.46
C THR B 117 -20.97 -18.86 9.46
N PHE B 118 -20.47 -18.23 10.52
CA PHE B 118 -20.98 -18.52 11.86
C PHE B 118 -21.98 -17.49 12.28
N THR B 119 -23.05 -17.96 12.91
CA THR B 119 -24.07 -17.09 13.48
C THR B 119 -24.34 -17.49 14.93
N LYS B 120 -25.06 -16.64 15.64
CA LYS B 120 -25.33 -16.90 17.05
C LYS B 120 -26.52 -17.81 17.23
N VAL B 121 -27.21 -18.11 16.13
CA VAL B 121 -28.41 -18.97 16.13
C VAL B 121 -28.15 -20.20 15.23
N LYS B 122 -28.68 -21.35 15.62
CA LYS B 122 -28.49 -22.57 14.83
C LYS B 122 -29.13 -22.49 13.45
N PRO B 123 -28.46 -23.04 12.43
CA PRO B 123 -28.98 -23.00 11.06
C PRO B 123 -30.25 -23.84 10.90
N ALA C 3 6.84 33.56 -5.71
CA ALA C 3 6.32 33.49 -7.08
C ALA C 3 7.25 32.65 -7.96
N GLY C 4 6.64 31.90 -8.88
CA GLY C 4 7.40 31.04 -9.79
C GLY C 4 7.76 29.70 -9.19
N ILE C 5 7.58 29.55 -7.88
CA ILE C 5 7.99 28.31 -7.21
C ILE C 5 6.90 27.23 -7.26
N THR C 6 5.65 27.62 -7.11
CA THR C 6 4.58 26.64 -7.09
C THR C 6 4.58 25.80 -8.36
N GLY C 7 4.50 24.49 -8.18
CA GLY C 7 4.40 23.57 -9.30
C GLY C 7 5.27 22.34 -9.10
N THR C 8 5.57 21.69 -10.21
CA THR C 8 6.33 20.45 -10.22
C THR C 8 7.75 20.68 -10.71
N TRP C 9 8.69 20.08 -10.00
CA TRP C 9 10.11 20.23 -10.29
C TRP C 9 10.76 18.85 -10.36
N TYR C 10 11.79 18.73 -11.19
CA TYR C 10 12.47 17.46 -11.44
C TYR C 10 13.97 17.64 -11.24
N ASN C 11 14.62 16.72 -10.52
CA ASN C 11 16.07 16.83 -10.41
C ASN C 11 16.79 15.86 -11.31
N GLN C 12 18.11 15.92 -11.23
CA GLN C 12 18.98 15.13 -12.09
C GLN C 12 18.91 13.63 -11.83
N LEU C 13 18.36 13.24 -10.67
CA LEU C 13 18.30 11.83 -10.28
C LEU C 13 17.00 11.17 -10.73
N GLY C 14 16.07 11.98 -11.21
CA GLY C 14 14.76 11.47 -11.60
C GLY C 14 13.71 11.61 -10.51
N SER C 15 14.00 12.39 -9.48
CA SER C 15 13.01 12.64 -8.44
C SER C 15 12.09 13.79 -8.83
N THR C 16 10.88 13.79 -8.25
CA THR C 16 9.85 14.76 -8.55
C THR C 16 9.40 15.45 -7.27
N PHE C 17 9.44 16.77 -7.32
CA PHE C 17 9.19 17.68 -6.19
C PHE C 17 7.90 18.47 -6.56
N ILE C 18 6.79 18.25 -5.85
CA ILE C 18 5.55 18.96 -6.13
C ILE C 18 5.27 19.89 -4.96
N VAL C 19 5.25 21.20 -5.21
CA VAL C 19 5.20 22.15 -4.09
C VAL C 19 4.20 23.28 -4.33
N THR C 20 3.62 23.75 -3.23
CA THR C 20 2.83 24.96 -3.24
C THR C 20 3.55 25.98 -2.37
N ALA C 21 3.80 27.16 -2.92
CA ALA C 21 4.40 28.26 -2.18
C ALA C 21 3.29 29.19 -1.72
N GLY C 22 3.04 29.22 -0.42
CA GLY C 22 1.95 30.00 0.15
C GLY C 22 2.31 31.47 0.26
N ALA C 23 1.30 32.33 0.32
CA ALA C 23 1.54 33.76 0.41
C ALA C 23 2.32 34.12 1.67
N ASP C 24 2.27 33.24 2.66
CA ASP C 24 2.84 33.50 3.98
C ASP C 24 4.29 33.00 4.14
N GLY C 25 4.84 32.41 3.09
CA GLY C 25 6.20 31.92 3.13
C GLY C 25 6.29 30.42 3.31
N ALA C 26 5.16 29.73 3.33
CA ALA C 26 5.15 28.29 3.53
C ALA C 26 5.39 27.55 2.25
N LEU C 27 6.16 26.46 2.33
CA LEU C 27 6.24 25.46 1.28
C LEU C 27 5.59 24.18 1.77
N THR C 28 4.68 23.63 0.98
N THR C 28 4.71 23.62 0.94
CA THR C 28 4.06 22.37 1.28
CA THR C 28 3.95 22.41 1.27
C THR C 28 4.01 21.56 0.01
C THR C 28 3.77 21.54 0.03
N GLY C 29 4.09 20.25 0.14
CA GLY C 29 3.88 19.38 -0.99
C GLY C 29 4.35 17.97 -0.77
N THR C 30 4.77 17.34 -1.86
CA THR C 30 5.20 15.94 -1.81
C THR C 30 6.47 15.77 -2.62
N TYR C 31 7.26 14.80 -2.19
CA TYR C 31 8.51 14.43 -2.84
C TYR C 31 8.42 12.96 -3.20
N GLU C 32 8.69 12.65 -4.47
CA GLU C 32 8.79 11.29 -4.96
C GLU C 32 10.24 11.07 -5.37
N SER C 33 10.96 10.24 -4.62
CA SER C 33 12.40 10.02 -4.86
C SER C 33 12.64 8.87 -5.82
N ASN C 37 5.09 5.88 -8.01
CA ASN C 37 4.29 4.98 -7.20
C ASN C 37 4.06 5.56 -5.81
N ALA C 38 2.96 5.17 -5.17
CA ALA C 38 2.58 5.70 -3.87
C ALA C 38 3.64 5.39 -2.81
N GLU C 39 4.26 4.23 -2.92
CA GLU C 39 5.30 3.80 -1.96
C GLU C 39 6.43 4.79 -1.89
N SER C 40 6.62 5.58 -2.94
CA SER C 40 7.78 6.45 -3.01
C SER C 40 7.43 7.93 -2.80
N ARG C 41 6.21 8.22 -2.37
CA ARG C 41 5.77 9.59 -2.13
C ARG C 41 5.80 9.96 -0.64
N TYR C 42 6.42 11.10 -0.33
CA TYR C 42 6.62 11.56 1.04
C TYR C 42 6.21 13.01 1.21
N VAL C 43 5.71 13.35 2.39
CA VAL C 43 5.39 14.74 2.73
C VAL C 43 6.60 15.63 2.81
N LEU C 44 6.47 16.85 2.31
CA LEU C 44 7.50 17.84 2.50
C LEU C 44 6.90 19.12 2.99
N THR C 45 7.68 19.82 3.81
N THR C 45 7.70 19.82 3.78
CA THR C 45 7.32 21.15 4.27
CA THR C 45 7.34 21.12 4.30
C THR C 45 8.57 21.99 4.45
C THR C 45 8.61 21.97 4.31
N GLY C 46 8.44 23.27 4.16
CA GLY C 46 9.55 24.19 4.21
C GLY C 46 9.10 25.64 4.23
N ARG C 47 10.06 26.51 3.95
CA ARG C 47 9.86 27.95 3.97
C ARG C 47 10.60 28.56 2.79
N TYR C 48 10.09 29.68 2.30
CA TYR C 48 10.81 30.48 1.33
C TYR C 48 10.65 31.95 1.63
N ASP C 49 11.54 32.75 1.05
CA ASP C 49 11.47 34.20 1.14
C ASP C 49 10.36 34.71 0.24
N SER C 50 9.25 35.14 0.85
CA SER C 50 8.08 35.58 0.09
C SER C 50 8.14 37.03 -0.38
N ALA C 51 9.23 37.73 -0.06
CA ALA C 51 9.45 39.08 -0.56
C ALA C 51 10.94 39.21 -0.93
N PRO C 52 11.35 38.50 -1.98
CA PRO C 52 12.77 38.51 -2.34
C PRO C 52 13.23 39.86 -2.87
N ALA C 53 14.54 40.03 -2.92
CA ALA C 53 15.14 41.24 -3.46
C ALA C 53 14.75 41.40 -4.92
N THR C 54 14.76 42.64 -5.38
CA THR C 54 14.39 42.93 -6.76
C THR C 54 15.60 43.42 -7.54
N ASP C 55 16.77 42.88 -7.20
CA ASP C 55 18.03 43.27 -7.83
C ASP C 55 18.61 42.17 -8.71
N GLY C 56 17.81 41.15 -9.00
CA GLY C 56 18.27 40.04 -9.83
C GLY C 56 18.77 38.86 -9.03
N SER C 57 18.67 38.94 -7.70
CA SER C 57 19.06 37.84 -6.82
C SER C 57 18.01 36.75 -6.82
N GLY C 58 18.44 35.53 -6.52
CA GLY C 58 17.54 34.41 -6.36
C GLY C 58 16.72 34.53 -5.10
N THR C 59 15.78 33.62 -4.97
CA THR C 59 14.85 33.55 -3.86
C THR C 59 15.23 32.40 -2.95
N ALA C 60 15.68 32.72 -1.74
CA ALA C 60 16.13 31.71 -0.80
C ALA C 60 14.97 30.84 -0.30
N LEU C 61 15.25 29.55 -0.13
CA LEU C 61 14.25 28.61 0.34
C LEU C 61 14.89 27.37 0.96
N GLY C 62 14.08 26.58 1.65
CA GLY C 62 14.54 25.31 2.17
C GLY C 62 13.34 24.43 2.44
N TRP C 63 13.55 23.12 2.42
CA TRP C 63 12.51 22.21 2.84
C TRP C 63 13.09 20.91 3.38
N THR C 64 12.21 20.16 4.05
CA THR C 64 12.54 18.90 4.68
C THR C 64 11.60 17.81 4.23
N VAL C 65 12.17 16.63 4.01
CA VAL C 65 11.44 15.37 3.93
C VAL C 65 11.95 14.39 4.96
N ALA C 66 11.07 13.88 5.81
CA ALA C 66 11.39 12.74 6.66
C ALA C 66 10.95 11.52 5.88
N TRP C 67 11.83 10.53 5.76
CA TRP C 67 11.60 9.40 4.86
C TRP C 67 10.75 8.30 5.50
N LYS C 68 9.59 8.72 5.99
CA LYS C 68 8.55 7.85 6.49
C LYS C 68 7.24 8.19 5.78
N ASN C 69 6.60 7.18 5.27
CA ASN C 69 5.24 7.30 4.75
C ASN C 69 4.44 6.07 5.19
N ASN C 70 3.25 5.86 4.61
CA ASN C 70 2.44 4.73 5.04
C ASN C 70 3.02 3.37 4.66
N TYR C 71 4.00 3.37 3.78
CA TYR C 71 4.54 2.13 3.23
C TYR C 71 5.91 1.74 3.79
N ARG C 72 6.72 2.74 4.11
CA ARG C 72 8.14 2.55 4.42
C ARG C 72 8.65 3.57 5.44
N ASN C 73 9.71 3.20 6.15
CA ASN C 73 10.40 4.13 7.04
C ASN C 73 11.89 3.85 7.04
N ASP C 74 12.66 4.82 6.53
CA ASP C 74 14.11 4.70 6.45
C ASP C 74 14.81 5.32 7.67
N HIS C 75 14.05 5.87 8.60
CA HIS C 75 14.63 6.47 9.83
C HIS C 75 15.70 7.49 9.49
N SER C 76 15.30 8.44 8.66
CA SER C 76 16.20 9.44 8.13
C SER C 76 15.40 10.62 7.61
N ALA C 77 16.08 11.73 7.39
CA ALA C 77 15.43 12.95 6.90
C ALA C 77 16.44 13.73 6.09
N THR C 78 15.97 14.33 5.00
CA THR C 78 16.79 15.20 4.16
C THR C 78 16.28 16.62 4.24
N THR C 79 17.20 17.56 4.34
CA THR C 79 16.87 18.97 4.18
C THR C 79 17.61 19.52 2.97
N TRP C 80 16.88 20.24 2.13
CA TRP C 80 17.45 20.95 0.98
C TRP C 80 17.46 22.44 1.26
N SER C 81 18.60 23.06 1.00
CA SER C 81 18.79 24.51 1.18
C SER C 81 19.22 25.08 -0.16
N GLY C 82 18.55 26.11 -0.64
CA GLY C 82 18.95 26.65 -1.92
C GLY C 82 18.26 27.92 -2.33
N GLN C 83 18.23 28.18 -3.62
CA GLN C 83 17.52 29.33 -4.10
C GLN C 83 16.88 29.03 -5.45
N TYR C 84 15.72 29.65 -5.66
CA TYR C 84 15.01 29.65 -6.91
C TYR C 84 15.52 30.78 -7.79
N VAL C 85 15.75 30.46 -9.07
CA VAL C 85 16.23 31.40 -10.08
C VAL C 85 15.22 31.34 -11.21
N GLY C 86 14.53 32.45 -11.46
CA GLY C 86 13.48 32.47 -12.47
C GLY C 86 13.99 32.66 -13.89
N GLY C 87 13.06 32.87 -14.81
CA GLY C 87 13.39 33.10 -16.21
C GLY C 87 12.99 31.94 -17.10
N ALA C 88 13.40 32.00 -18.36
CA ALA C 88 13.02 31.00 -19.35
C ALA C 88 13.46 29.61 -18.93
N GLU C 89 14.64 29.54 -18.32
CA GLU C 89 15.20 28.28 -17.85
C GLU C 89 15.27 28.28 -16.33
N ALA C 90 14.10 28.29 -15.71
CA ALA C 90 14.01 28.38 -14.27
C ALA C 90 14.66 27.18 -13.56
N ARG C 91 15.27 27.43 -12.40
CA ARG C 91 15.96 26.40 -11.63
C ARG C 91 15.74 26.60 -10.15
N ILE C 92 15.78 25.50 -9.40
CA ILE C 92 16.03 25.58 -7.98
C ILE C 92 17.34 24.85 -7.74
N ASN C 93 18.36 25.61 -7.33
CA ASN C 93 19.68 25.05 -7.07
C ASN C 93 19.84 24.83 -5.60
N THR C 94 20.19 23.61 -5.23
CA THR C 94 20.21 23.23 -3.82
C THR C 94 21.45 22.45 -3.42
N GLN C 95 21.72 22.51 -2.12
N GLN C 95 21.74 22.55 -2.13
CA GLN C 95 22.56 21.56 -1.44
CA GLN C 95 22.57 21.63 -1.38
C GLN C 95 21.76 20.95 -0.31
C GLN C 95 21.66 20.88 -0.42
N TRP C 96 22.04 19.68 -0.01
CA TRP C 96 21.22 18.93 0.94
C TRP C 96 22.06 18.18 1.94
N LEU C 97 21.41 17.87 3.07
CA LEU C 97 21.92 17.12 4.18
C LEU C 97 20.93 16.02 4.48
N LEU C 98 21.39 14.79 4.46
N LEU C 98 21.40 14.79 4.49
CA LEU C 98 20.59 13.63 4.82
CA LEU C 98 20.58 13.63 4.81
C LEU C 98 21.13 13.04 6.11
C LEU C 98 21.10 12.98 6.09
N THR C 99 20.38 13.18 7.19
CA THR C 99 20.75 12.60 8.47
C THR C 99 19.93 11.35 8.75
N SER C 100 20.63 10.28 9.09
CA SER C 100 20.01 9.04 9.53
C SER C 100 20.05 8.95 11.04
N GLY C 101 18.99 8.40 11.65
CA GLY C 101 19.06 8.08 13.07
C GLY C 101 20.15 7.04 13.28
N THR C 102 21.03 7.30 14.23
CA THR C 102 22.12 6.37 14.54
C THR C 102 22.29 6.17 16.02
N THR C 103 23.09 5.19 16.39
CA THR C 103 23.56 5.11 17.75
C THR C 103 24.54 6.23 18.00
N GLU C 104 24.83 6.50 19.27
CA GLU C 104 25.78 7.57 19.58
C GLU C 104 27.16 7.21 19.05
N ALA C 105 27.51 5.93 19.10
CA ALA C 105 28.80 5.47 18.58
C ALA C 105 28.96 5.75 17.09
N ASN C 106 27.86 5.71 16.35
CA ASN C 106 27.90 5.92 14.89
C ASN C 106 27.50 7.32 14.45
N ALA C 107 27.32 8.24 15.39
CA ALA C 107 26.79 9.55 15.05
C ALA C 107 27.77 10.34 14.16
N TRP C 108 29.07 10.08 14.26
CA TRP C 108 30.02 10.79 13.41
C TRP C 108 29.73 10.58 11.90
N LYS C 109 29.11 9.46 11.54
CA LYS C 109 28.80 9.14 10.14
C LYS C 109 27.29 9.15 9.85
N SER C 110 26.58 9.99 10.60
CA SER C 110 25.12 10.10 10.46
C SER C 110 24.64 10.90 9.25
N THR C 111 25.49 11.74 8.67
CA THR C 111 24.98 12.78 7.76
C THR C 111 25.70 12.81 6.42
N LEU C 112 24.94 12.57 5.35
CA LEU C 112 25.41 12.70 3.98
C LEU C 112 25.14 14.10 3.48
N VAL C 113 26.01 14.56 2.60
CA VAL C 113 25.83 15.86 1.95
C VAL C 113 25.86 15.66 0.43
N GLY C 114 25.06 16.46 -0.26
CA GLY C 114 25.08 16.43 -1.71
C GLY C 114 24.43 17.65 -2.30
N HIS C 115 24.14 17.60 -3.59
CA HIS C 115 23.54 18.75 -4.26
C HIS C 115 22.58 18.27 -5.33
N ASP C 116 21.45 18.97 -5.45
CA ASP C 116 20.44 18.67 -6.47
C ASP C 116 20.11 19.96 -7.22
N THR C 117 19.92 19.86 -8.52
N THR C 117 19.94 19.85 -8.53
CA THR C 117 19.40 20.98 -9.30
CA THR C 117 19.44 20.93 -9.35
C THR C 117 18.09 20.57 -9.96
C THR C 117 18.06 20.50 -9.84
N PHE C 118 17.07 21.35 -9.64
CA PHE C 118 15.71 21.09 -10.08
C PHE C 118 15.34 21.99 -11.23
N THR C 119 14.71 21.42 -12.25
N THR C 119 14.61 21.41 -12.18
CA THR C 119 14.17 22.16 -13.38
CA THR C 119 14.19 22.07 -13.40
C THR C 119 12.68 21.88 -13.54
C THR C 119 12.70 21.81 -13.63
N LYS C 120 12.04 22.66 -14.42
CA LYS C 120 10.62 22.51 -14.71
C LYS C 120 10.31 21.43 -15.72
N VAL C 121 11.33 20.93 -16.40
CA VAL C 121 11.14 19.83 -17.35
C VAL C 121 12.05 18.67 -16.96
N LYS C 122 11.66 17.44 -17.29
CA LYS C 122 12.40 16.27 -16.85
C LYS C 122 13.80 16.25 -17.43
N GLY D 4 5.96 31.84 -18.07
CA GLY D 4 5.15 31.15 -17.08
C GLY D 4 4.47 29.88 -17.56
N ILE D 5 4.59 29.58 -18.85
CA ILE D 5 3.91 28.43 -19.44
C ILE D 5 4.72 27.14 -19.31
N THR D 6 6.03 27.23 -19.47
CA THR D 6 6.88 26.06 -19.39
C THR D 6 6.71 25.34 -18.06
N GLY D 7 6.52 24.03 -18.15
CA GLY D 7 6.45 23.19 -16.96
C GLY D 7 5.31 22.19 -17.07
N THR D 8 4.85 21.73 -15.92
CA THR D 8 3.89 20.65 -15.82
C THR D 8 2.56 21.17 -15.39
N TRP D 9 1.51 20.73 -16.08
CA TRP D 9 0.14 21.18 -15.82
C TRP D 9 -0.76 19.97 -15.66
N TYR D 10 -1.77 20.13 -14.81
CA TYR D 10 -2.72 19.07 -14.47
C TYR D 10 -4.15 19.54 -14.69
N ASN D 11 -5.00 18.72 -15.31
CA ASN D 11 -6.40 19.09 -15.44
C ASN D 11 -7.29 18.29 -14.51
N GLN D 12 -8.58 18.57 -14.63
CA GLN D 12 -9.58 18.03 -13.70
C GLN D 12 -9.86 16.54 -13.91
N LEU D 13 -9.44 16.01 -15.06
CA LEU D 13 -9.59 14.57 -15.37
C LEU D 13 -8.43 13.72 -14.88
N GLY D 14 -7.40 14.37 -14.37
CA GLY D 14 -6.20 13.68 -13.92
C GLY D 14 -5.10 13.60 -14.96
N SER D 15 -5.27 14.27 -16.10
CA SER D 15 -4.22 14.25 -17.12
C SER D 15 -3.11 15.23 -16.80
N THR D 16 -1.94 14.95 -17.37
N THR D 16 -1.94 14.92 -17.33
CA THR D 16 -0.73 15.75 -17.13
CA THR D 16 -0.75 15.71 -17.10
C THR D 16 -0.15 16.24 -18.46
C THR D 16 -0.13 16.01 -18.42
N PHE D 17 0.21 17.52 -18.47
N PHE D 17 0.25 17.25 -18.64
CA PHE D 17 0.58 18.26 -19.65
CA PHE D 17 1.15 17.50 -19.73
C PHE D 17 1.94 18.91 -19.38
C PHE D 17 2.33 18.32 -19.26
N ILE D 18 3.00 18.35 -19.95
N ILE D 18 3.41 18.16 -20.00
CA ILE D 18 4.35 18.86 -19.72
CA ILE D 18 4.66 18.81 -19.68
C ILE D 18 4.76 19.55 -21.01
C ILE D 18 5.08 19.49 -20.95
N VAL D 19 5.17 20.81 -20.89
CA VAL D 19 5.42 21.63 -22.07
C VAL D 19 6.62 22.55 -21.89
N THR D 20 7.33 22.77 -22.99
CA THR D 20 8.32 23.82 -23.10
C THR D 20 7.80 24.87 -24.08
N ALA D 21 7.79 26.12 -23.61
CA ALA D 21 7.37 27.25 -24.43
C ALA D 21 8.65 27.90 -24.94
N GLY D 22 8.87 27.79 -26.24
CA GLY D 22 10.09 28.31 -26.87
C GLY D 22 10.00 29.80 -27.10
N ALA D 23 11.15 30.47 -27.20
CA ALA D 23 11.14 31.91 -27.31
C ALA D 23 10.48 32.40 -28.59
N ASP D 24 10.38 31.50 -29.57
CA ASP D 24 9.83 31.79 -30.89
C ASP D 24 8.31 31.59 -31.00
N GLY D 25 7.70 31.07 -29.93
CA GLY D 25 6.27 30.81 -29.91
C GLY D 25 5.92 29.35 -30.05
N ALA D 26 6.91 28.46 -30.04
CA ALA D 26 6.63 27.02 -30.11
C ALA D 26 6.23 26.44 -28.77
N LEU D 27 5.27 25.51 -28.80
CA LEU D 27 4.97 24.64 -27.68
C LEU D 27 5.36 23.21 -28.06
N THR D 28 6.15 22.56 -27.23
N THR D 28 6.11 22.54 -27.19
CA THR D 28 6.50 21.17 -27.46
CA THR D 28 6.63 21.19 -27.43
C THR D 28 6.41 20.46 -26.11
C THR D 28 6.64 20.39 -26.13
N GLY D 29 6.13 19.17 -26.16
CA GLY D 29 6.11 18.37 -24.96
C GLY D 29 5.37 17.06 -25.10
N THR D 30 4.81 16.64 -23.97
CA THR D 30 4.13 15.36 -23.87
C THR D 30 2.85 15.52 -23.08
N TYR D 31 1.85 14.74 -23.47
CA TYR D 31 0.56 14.72 -22.80
C TYR D 31 0.32 13.30 -22.32
N GLU D 32 -0.01 13.15 -21.05
CA GLU D 32 -0.26 11.84 -20.47
C GLU D 32 -1.72 11.79 -20.03
N SER D 33 -2.50 10.89 -20.64
CA SER D 33 -3.87 10.67 -20.17
C SER D 33 -3.80 9.98 -18.80
N ALA D 34 -4.85 10.14 -18.01
CA ALA D 34 -4.76 9.89 -16.57
C ALA D 34 -4.32 8.48 -16.16
N VAL D 35 -4.84 7.45 -16.81
CA VAL D 35 -4.73 6.09 -16.27
C VAL D 35 -3.32 5.46 -16.35
N GLY D 36 -2.66 5.60 -17.49
CA GLY D 36 -1.44 4.84 -17.74
C GLY D 36 -0.15 5.53 -17.35
N ASN D 37 0.96 4.87 -17.65
CA ASN D 37 2.28 5.48 -17.57
C ASN D 37 2.80 5.74 -18.99
N ALA D 38 3.83 5.02 -19.43
CA ALA D 38 4.41 5.27 -20.75
C ALA D 38 3.40 5.04 -21.88
N GLU D 39 2.54 4.05 -21.69
CA GLU D 39 1.56 3.68 -22.73
C GLU D 39 0.53 4.79 -22.93
N SER D 40 0.48 5.71 -21.98
CA SER D 40 -0.50 6.78 -22.02
C SER D 40 0.14 8.12 -22.33
N ARG D 41 1.40 8.11 -22.79
CA ARG D 41 2.10 9.37 -23.10
C ARG D 41 2.20 9.59 -24.60
N TYR D 42 1.87 10.82 -25.02
CA TYR D 42 1.76 11.18 -26.43
C TYR D 42 2.46 12.49 -26.71
N VAL D 43 2.98 12.64 -27.92
CA VAL D 43 3.64 13.87 -28.32
C VAL D 43 2.64 14.98 -28.46
N LEU D 44 3.02 16.17 -28.04
CA LEU D 44 2.21 17.35 -28.33
C LEU D 44 3.04 18.45 -28.91
N THR D 45 2.39 19.23 -29.77
N THR D 45 2.40 19.22 -29.78
CA THR D 45 3.01 20.40 -30.36
CA THR D 45 3.02 20.40 -30.37
C THR D 45 1.97 21.48 -30.53
C THR D 45 1.97 21.47 -30.48
N GLY D 46 2.39 22.72 -30.43
CA GLY D 46 1.48 23.84 -30.50
C GLY D 46 2.22 25.15 -30.64
N ARG D 47 1.48 26.23 -30.44
CA ARG D 47 1.97 27.59 -30.59
C ARG D 47 1.36 28.44 -29.48
N TYR D 48 2.07 29.51 -29.12
CA TYR D 48 1.52 30.47 -28.18
C TYR D 48 1.98 31.88 -28.58
N ASP D 49 1.26 32.87 -28.09
CA ASP D 49 1.61 34.26 -28.29
C ASP D 49 2.82 34.62 -27.44
N SER D 50 3.98 34.81 -28.07
CA SER D 50 5.20 35.04 -27.31
C SER D 50 5.42 36.51 -26.99
N ALA D 51 4.48 37.37 -27.36
CA ALA D 51 4.51 38.78 -26.98
C ALA D 51 3.10 39.24 -26.62
N PRO D 52 2.56 38.72 -25.51
CA PRO D 52 1.17 39.02 -25.16
C PRO D 52 0.99 40.47 -24.75
N ALA D 53 -0.25 40.90 -24.68
CA ALA D 53 -0.56 42.25 -24.22
C ALA D 53 -0.13 42.39 -22.77
N THR D 54 0.08 43.63 -22.33
CA THR D 54 0.51 43.91 -20.96
C THR D 54 -0.60 44.59 -20.17
N ASP D 55 -1.84 44.45 -20.65
CA ASP D 55 -2.98 45.12 -20.03
C ASP D 55 -3.73 44.19 -19.07
N GLY D 56 -3.12 43.08 -18.69
CA GLY D 56 -3.75 42.13 -17.79
C GLY D 56 -4.49 41.02 -18.51
N SER D 57 -4.39 41.02 -19.83
CA SER D 57 -5.01 39.96 -20.63
C SER D 57 -4.20 38.68 -20.53
N GLY D 58 -4.89 37.54 -20.73
CA GLY D 58 -4.24 36.26 -20.82
C GLY D 58 -3.41 36.13 -22.08
N THR D 59 -2.66 35.03 -22.16
CA THR D 59 -1.80 34.71 -23.28
C THR D 59 -2.42 33.59 -24.12
N ALA D 60 -2.76 33.90 -25.36
CA ALA D 60 -3.41 32.91 -26.23
C ALA D 60 -2.46 31.79 -26.60
N LEU D 61 -3.01 30.58 -26.72
N LEU D 61 -2.98 30.56 -26.65
CA LEU D 61 -2.22 29.42 -27.09
CA LEU D 61 -2.19 29.40 -27.02
C LEU D 61 -3.11 28.31 -27.63
C LEU D 61 -3.07 28.24 -27.46
N GLY D 62 -2.47 27.29 -28.17
CA GLY D 62 -3.17 26.10 -28.59
C GLY D 62 -2.18 24.98 -28.80
N TRP D 63 -2.66 23.74 -28.71
CA TRP D 63 -1.82 22.59 -29.02
C TRP D 63 -2.66 21.42 -29.48
N THR D 64 -1.98 20.46 -30.10
CA THR D 64 -2.55 19.24 -30.64
C THR D 64 -1.84 18.02 -30.09
N VAL D 65 -2.64 16.99 -29.81
CA VAL D 65 -2.17 15.63 -29.60
C VAL D 65 -2.87 14.69 -30.57
N ALA D 66 -2.11 13.94 -31.35
CA ALA D 66 -2.68 12.79 -32.08
C ALA D 66 -2.50 11.59 -31.19
N TRP D 67 -3.58 10.83 -31.01
CA TRP D 67 -3.59 9.76 -30.02
C TRP D 67 -2.99 8.44 -30.55
N LYS D 68 -1.78 8.57 -31.10
CA LYS D 68 -0.96 7.43 -31.50
C LYS D 68 0.39 7.54 -30.82
N ASN D 69 0.83 6.44 -30.22
CA ASN D 69 2.20 6.31 -29.74
C ASN D 69 2.67 4.89 -30.04
N ASN D 70 3.75 4.45 -29.42
CA ASN D 70 4.27 3.13 -29.74
C ASN D 70 3.48 1.98 -29.13
N TYR D 71 2.49 2.30 -28.30
CA TYR D 71 1.66 1.29 -27.64
C TYR D 71 0.23 1.22 -28.17
N ARG D 72 -0.30 2.37 -28.56
CA ARG D 72 -1.72 2.50 -28.88
C ARG D 72 -1.97 3.46 -30.03
N ASN D 73 -3.13 3.30 -30.69
CA ASN D 73 -3.57 4.27 -31.69
C ASN D 73 -5.10 4.33 -31.69
N ASP D 74 -5.64 5.45 -31.23
CA ASP D 74 -7.09 5.61 -31.12
C ASP D 74 -7.67 6.31 -32.36
N HIS D 75 -6.85 6.48 -33.39
CA HIS D 75 -7.27 7.08 -34.67
C HIS D 75 -8.06 8.35 -34.42
N SER D 76 -7.43 9.26 -33.68
N SER D 76 -7.45 9.23 -33.64
CA SER D 76 -8.10 10.49 -33.29
CA SER D 76 -8.09 10.47 -33.18
C SER D 76 -7.08 11.52 -32.86
C SER D 76 -7.05 11.55 -32.95
N ALA D 77 -7.52 12.78 -32.79
CA ALA D 77 -6.64 13.88 -32.44
C ALA D 77 -7.45 14.91 -31.69
N THR D 78 -6.84 15.49 -30.66
CA THR D 78 -7.46 16.55 -29.90
C THR D 78 -6.68 17.84 -30.05
N THR D 79 -7.41 18.95 -30.22
CA THR D 79 -6.80 20.26 -30.14
C THR D 79 -7.39 21.02 -28.98
N TRP D 80 -6.51 21.67 -28.22
CA TRP D 80 -6.91 22.57 -27.17
C TRP D 80 -6.60 24.01 -27.56
N SER D 81 -7.59 24.87 -27.37
CA SER D 81 -7.46 26.29 -27.63
C SER D 81 -7.80 27.05 -26.36
N GLY D 82 -6.92 27.94 -25.93
CA GLY D 82 -7.20 28.67 -24.72
C GLY D 82 -6.26 29.79 -24.41
N GLN D 83 -6.19 30.13 -23.14
CA GLN D 83 -5.27 31.15 -22.70
C GLN D 83 -4.69 30.83 -21.35
N TYR D 84 -3.44 31.22 -21.21
CA TYR D 84 -2.71 31.17 -19.95
C TYR D 84 -2.97 32.43 -19.14
N VAL D 85 -3.28 32.24 -17.87
CA VAL D 85 -3.51 33.32 -16.92
C VAL D 85 -2.52 33.14 -15.77
N GLY D 86 -1.61 34.10 -15.59
CA GLY D 86 -0.55 33.97 -14.61
C GLY D 86 -0.97 34.39 -13.21
N GLY D 87 -0.04 34.32 -12.27
CA GLY D 87 -0.30 34.72 -10.89
C GLY D 87 -0.10 33.59 -9.93
N ALA D 88 -0.48 33.81 -8.67
CA ALA D 88 -0.26 32.83 -7.60
C ALA D 88 -1.00 31.54 -7.89
N GLU D 89 -2.17 31.65 -8.52
CA GLU D 89 -2.95 30.48 -8.94
C GLU D 89 -3.07 30.49 -10.45
N ALA D 90 -1.93 30.27 -11.09
CA ALA D 90 -1.86 30.24 -12.54
C ALA D 90 -2.75 29.14 -13.13
N ARG D 91 -3.34 29.44 -14.28
CA ARG D 91 -4.21 28.48 -14.97
C ARG D 91 -4.02 28.57 -16.46
N ILE D 92 -4.29 27.46 -17.13
CA ILE D 92 -4.53 27.46 -18.56
C ILE D 92 -5.97 27.02 -18.76
N ASN D 93 -6.80 27.95 -19.23
CA ASN D 93 -8.22 27.68 -19.45
C ASN D 93 -8.42 27.35 -20.91
N THR D 94 -8.98 26.18 -21.20
CA THR D 94 -9.13 25.72 -22.57
C THR D 94 -10.49 25.19 -22.91
N GLN D 95 -10.73 25.17 -24.22
N GLN D 95 -10.77 25.22 -24.22
CA GLN D 95 -11.80 24.40 -24.83
CA GLN D 95 -11.79 24.39 -24.82
C GLN D 95 -11.13 23.52 -25.88
C GLN D 95 -11.06 23.46 -25.78
N TRP D 96 -11.67 22.33 -26.11
CA TRP D 96 -11.03 21.37 -26.99
C TRP D 96 -12.02 20.71 -27.91
N LEU D 97 -11.44 20.22 -29.00
CA LEU D 97 -12.11 19.45 -30.06
C LEU D 97 -11.37 18.16 -30.27
N LEU D 98 -12.07 17.03 -30.16
CA LEU D 98 -11.47 15.71 -30.40
C LEU D 98 -12.14 15.13 -31.62
N THR D 99 -11.39 15.03 -32.71
CA THR D 99 -11.92 14.43 -33.93
C THR D 99 -11.38 13.01 -34.12
N SER D 100 -12.30 12.08 -34.41
CA SER D 100 -11.91 10.72 -34.76
C SER D 100 -12.00 10.54 -36.27
N GLY D 101 -11.10 9.74 -36.83
CA GLY D 101 -11.24 9.32 -38.21
C GLY D 101 -12.51 8.49 -38.35
N THR D 102 -13.35 8.86 -39.32
CA THR D 102 -14.64 8.18 -39.55
C THR D 102 -14.85 7.93 -41.02
N THR D 103 -15.82 7.06 -41.33
CA THR D 103 -16.32 6.97 -42.69
C THR D 103 -17.11 8.23 -42.99
N GLU D 104 -17.37 8.50 -44.28
CA GLU D 104 -18.13 9.68 -44.67
C GLU D 104 -19.54 9.66 -44.05
N ALA D 105 -20.15 8.48 -44.02
CA ALA D 105 -21.49 8.33 -43.46
C ALA D 105 -21.55 8.73 -41.99
N ASN D 106 -20.46 8.54 -41.26
CA ASN D 106 -20.40 8.87 -39.83
C ASN D 106 -19.70 10.19 -39.50
N ALA D 107 -19.37 10.99 -40.51
CA ALA D 107 -18.57 12.20 -40.28
C ALA D 107 -19.30 13.20 -39.41
N TRP D 108 -20.62 13.14 -39.43
CA TRP D 108 -21.41 14.13 -38.72
C TRP D 108 -21.18 14.00 -37.21
N LYS D 109 -20.80 12.80 -36.76
CA LYS D 109 -20.53 12.54 -35.35
C LYS D 109 -19.03 12.27 -35.08
N SER D 110 -18.17 12.89 -35.87
CA SER D 110 -16.72 12.71 -35.73
C SER D 110 -16.06 13.50 -34.61
N THR D 111 -16.70 14.55 -34.12
CA THR D 111 -16.01 15.55 -33.30
C THR D 111 -16.71 15.84 -31.96
N LEU D 112 -16.01 15.54 -30.88
CA LEU D 112 -16.43 15.88 -29.53
C LEU D 112 -15.89 17.24 -29.15
N VAL D 113 -16.62 17.94 -28.29
CA VAL D 113 -16.18 19.23 -27.75
C VAL D 113 -16.25 19.17 -26.23
N GLY D 114 -15.30 19.84 -25.61
CA GLY D 114 -15.29 19.94 -24.17
C GLY D 114 -14.37 21.04 -23.69
N HIS D 115 -14.09 21.04 -22.40
CA HIS D 115 -13.30 22.10 -21.76
C HIS D 115 -12.46 21.50 -20.65
N ASP D 116 -11.21 21.92 -20.59
CA ASP D 116 -10.25 21.52 -19.55
C ASP D 116 -9.67 22.76 -18.90
N THR D 117 -9.53 22.73 -17.58
N THR D 117 -9.55 22.73 -17.59
CA THR D 117 -8.81 23.78 -16.85
CA THR D 117 -8.82 23.74 -16.86
C THR D 117 -7.58 23.20 -16.16
C THR D 117 -7.56 23.06 -16.33
N PHE D 118 -6.43 23.68 -16.60
CA PHE D 118 -5.14 23.18 -16.13
C PHE D 118 -4.57 24.06 -15.04
N THR D 119 -4.02 23.44 -14.01
CA THR D 119 -3.36 24.15 -12.92
C THR D 119 -2.00 23.56 -12.67
N LYS D 120 -1.20 24.26 -11.86
CA LYS D 120 0.17 23.82 -11.59
C LYS D 120 0.23 22.75 -10.53
N VAL D 121 -0.88 22.53 -9.83
CA VAL D 121 -0.95 21.48 -8.78
C VAL D 121 -2.11 20.54 -9.07
N LYS D 122 -1.97 19.28 -8.65
CA LYS D 122 -2.99 18.28 -8.95
C LYS D 122 -4.32 18.62 -8.26
N PRO D 123 -5.45 18.37 -8.93
CA PRO D 123 -6.72 18.59 -8.21
C PRO D 123 -6.98 17.55 -7.12
#